data_9HFD
#
_entry.id   9HFD
#
_cell.length_a   85.367
_cell.length_b   85.367
_cell.length_c   91.640
_cell.angle_alpha   90.00
_cell.angle_beta   90.00
_cell.angle_gamma   120.00
#
_symmetry.space_group_name_H-M   'P 31 2 1'
#
loop_
_entity.id
_entity.type
_entity.pdbx_description
1 polymer 'Telomeric repeat-binding factor 1'
2 non-polymer GLYCEROL
3 non-polymer (2S)-2-phenylpropane-1-sulfonamide
4 non-polymer 'DIMETHYL SULFOXIDE'
5 water water
#
_entity_poly.entity_id   1
_entity_poly.type   'polypeptide(L)'
_entity_poly.pdbx_seq_one_letter_code
;SNAQVQVGAPEEEEEEEEDAGLVAEAEAVAAGWMLDFLCLSLCRAFRDGRSEDFRRTRNSAEAIIHGLSSLTACQLRTIY
ICQFLTRIAAGKTLDAQFENDERITPLESALMIWGSIEKEHDKLHEEIQNLIKIQAIAVCMENGNFKEAEEVFERIFGDP
NSHMPFKSKLLMIISQKDTFHSFFQHFSYNHMMEKIKSYVNYVLSEKSSTFLMKAAAKVVESKR
;
_entity_poly.pdbx_strand_id   A
#
loop_
_chem_comp.id
_chem_comp.type
_chem_comp.name
_chem_comp.formula
DMS non-polymer 'DIMETHYL SULFOXIDE' 'C2 H6 O S'
GOL non-polymer GLYCEROL 'C3 H8 O3'
VW4 non-polymer (2S)-2-phenylpropane-1-sulfonamide 'C9 H13 N O2 S'
#
# COMPACT_ATOMS: atom_id res chain seq x y z
N GLU A 18 36.93 0.02 -20.10
CA GLU A 18 35.66 0.04 -19.36
C GLU A 18 35.77 0.92 -18.10
N ASP A 19 34.85 1.88 -17.93
CA ASP A 19 34.91 2.76 -16.77
C ASP A 19 33.89 2.30 -15.74
N ALA A 20 34.39 1.82 -14.59
CA ALA A 20 33.60 1.34 -13.47
C ALA A 20 32.51 2.33 -13.04
N GLY A 21 32.82 3.62 -13.05
CA GLY A 21 31.86 4.66 -12.68
C GLY A 21 30.68 4.80 -13.63
N LEU A 22 30.93 4.73 -14.94
CA LEU A 22 29.86 4.82 -15.94
C LEU A 22 28.99 3.55 -15.95
N VAL A 23 29.59 2.38 -15.66
CA VAL A 23 28.85 1.13 -15.57
C VAL A 23 27.91 1.22 -14.37
N ALA A 24 28.43 1.67 -13.22
CA ALA A 24 27.62 1.83 -12.00
C ALA A 24 26.45 2.78 -12.23
N GLU A 25 26.69 3.86 -13.01
CA GLU A 25 25.66 4.81 -13.39
C GLU A 25 24.59 4.17 -14.26
N ALA A 26 24.99 3.36 -15.26
CA ALA A 26 24.03 2.65 -16.12
C ALA A 26 23.21 1.67 -15.28
N GLU A 27 23.81 1.03 -14.26
CA GLU A 27 23.08 0.12 -13.38
C GLU A 27 22.08 0.87 -12.50
N ALA A 28 22.39 2.11 -12.12
CA ALA A 28 21.50 2.94 -11.30
C ALA A 28 20.29 3.40 -12.13
N VAL A 29 20.52 3.76 -13.43
CA VAL A 29 19.48 4.15 -14.37
C VAL A 29 18.53 2.96 -14.53
N ALA A 30 19.07 1.76 -14.80
CA ALA A 30 18.28 0.55 -14.97
C ALA A 30 17.54 0.15 -13.72
N ALA A 31 18.14 0.38 -12.53
CA ALA A 31 17.43 0.09 -11.27
C ALA A 31 16.21 1.02 -11.15
N GLY A 32 16.36 2.28 -11.54
CA GLY A 32 15.27 3.25 -11.52
C GLY A 32 14.14 2.80 -12.42
N TRP A 33 14.49 2.32 -13.62
CA TRP A 33 13.51 1.80 -14.57
C TRP A 33 12.80 0.57 -14.01
N MET A 34 13.56 -0.36 -13.43
CA MET A 34 12.98 -1.57 -12.87
C MET A 34 12.05 -1.24 -11.71
N LEU A 35 12.39 -0.24 -10.89
CA LEU A 35 11.57 0.17 -9.76
C LEU A 35 10.19 0.64 -10.24
N ASP A 36 10.17 1.51 -11.27
CA ASP A 36 8.91 2.01 -11.82
C ASP A 36 8.07 0.87 -12.37
N PHE A 37 8.68 -0.04 -13.14
CA PHE A 37 8.00 -1.16 -13.73
C PHE A 37 7.38 -2.07 -12.67
N LEU A 38 8.13 -2.37 -11.59
CA LEU A 38 7.64 -3.22 -10.53
C LEU A 38 6.55 -2.53 -9.71
N CYS A 39 6.58 -1.20 -9.57
CA CYS A 39 5.50 -0.50 -8.86
C CYS A 39 4.20 -0.63 -9.66
N LEU A 40 4.30 -0.45 -10.99
CA LEU A 40 3.19 -0.57 -11.93
C LEU A 40 2.58 -1.97 -11.84
N SER A 41 3.43 -2.99 -11.80
CA SER A 41 3.00 -4.36 -11.73
C SER A 41 2.34 -4.65 -10.36
N LEU A 42 2.91 -4.11 -9.29
CA LEU A 42 2.39 -4.28 -7.94
C LEU A 42 0.98 -3.66 -7.84
N CYS A 43 0.79 -2.48 -8.46
CA CYS A 43 -0.47 -1.78 -8.48
C CYS A 43 -1.55 -2.58 -9.21
N ARG A 44 -1.23 -3.12 -10.41
CA ARG A 44 -2.20 -3.91 -11.17
C ARG A 44 -2.55 -5.18 -10.41
N ALA A 45 -1.57 -5.85 -9.79
CA ALA A 45 -1.83 -7.08 -9.03
C ALA A 45 -2.73 -6.80 -7.84
N PHE A 46 -2.52 -5.65 -7.16
CA PHE A 46 -3.36 -5.23 -6.04
C PHE A 46 -4.77 -4.97 -6.56
N ARG A 47 -4.89 -4.21 -7.65
CA ARG A 47 -6.18 -3.89 -8.24
C ARG A 47 -6.94 -5.15 -8.69
N ASP A 48 -6.25 -6.10 -9.30
CA ASP A 48 -6.83 -7.33 -9.84
C ASP A 48 -7.08 -8.43 -8.81
N GLY A 49 -6.53 -8.28 -7.60
CA GLY A 49 -6.66 -9.31 -6.56
C GLY A 49 -5.82 -10.55 -6.86
N ARG A 50 -4.72 -10.39 -7.61
CA ARG A 50 -3.83 -11.51 -7.92
C ARG A 50 -2.78 -11.62 -6.82
N SER A 51 -3.14 -12.27 -5.69
CA SER A 51 -2.31 -12.40 -4.50
C SER A 51 -0.90 -12.95 -4.70
N GLU A 52 -0.76 -14.10 -5.38
CA GLU A 52 0.55 -14.71 -5.59
C GLU A 52 1.40 -13.87 -6.48
N ASP A 53 0.81 -13.22 -7.50
CA ASP A 53 1.53 -12.31 -8.38
C ASP A 53 2.00 -11.09 -7.57
N PHE A 54 1.12 -10.55 -6.69
CA PHE A 54 1.46 -9.42 -5.83
C PHE A 54 2.65 -9.78 -4.94
N ARG A 55 2.59 -10.97 -4.32
CA ARG A 55 3.68 -11.47 -3.48
C ARG A 55 5.02 -11.51 -4.24
N ARG A 56 5.01 -12.08 -5.46
CA ARG A 56 6.25 -12.15 -6.25
C ARG A 56 6.77 -10.78 -6.64
N THR A 57 5.88 -9.91 -7.13
CA THR A 57 6.28 -8.56 -7.52
C THR A 57 6.84 -7.77 -6.34
N ARG A 58 6.21 -7.90 -5.17
CA ARG A 58 6.65 -7.24 -3.95
C ARG A 58 8.08 -7.70 -3.59
N ASN A 59 8.36 -9.00 -3.70
CA ASN A 59 9.66 -9.60 -3.44
C ASN A 59 10.71 -9.06 -4.39
N SER A 60 10.36 -8.88 -5.68
CA SER A 60 11.24 -8.31 -6.69
C SER A 60 11.52 -6.84 -6.41
N ALA A 61 10.48 -6.06 -6.06
CA ALA A 61 10.64 -4.64 -5.77
C ALA A 61 11.58 -4.49 -4.56
N GLU A 62 11.40 -5.34 -3.54
CA GLU A 62 12.24 -5.31 -2.35
C GLU A 62 13.71 -5.57 -2.70
N ALA A 63 13.96 -6.57 -3.53
CA ALA A 63 15.33 -6.92 -3.92
C ALA A 63 15.96 -5.76 -4.71
N ILE A 64 15.24 -5.21 -5.71
CA ILE A 64 15.68 -4.15 -6.60
C ILE A 64 15.98 -2.87 -5.85
N ILE A 65 15.12 -2.51 -4.88
CA ILE A 65 15.27 -1.32 -4.05
C ILE A 65 16.59 -1.36 -3.28
N HIS A 66 17.13 -2.56 -2.97
CA HIS A 66 18.47 -2.68 -2.33
C HIS A 66 19.61 -2.24 -3.24
N GLY A 67 19.42 -2.36 -4.53
CA GLY A 67 20.41 -1.92 -5.51
C GLY A 67 20.51 -0.41 -5.61
N LEU A 68 19.59 0.32 -4.96
CA LEU A 68 19.65 1.79 -4.96
C LEU A 68 20.06 2.26 -3.55
N SER A 69 21.04 3.16 -3.46
CA SER A 69 21.46 3.70 -2.15
C SER A 69 21.08 5.19 -1.97
N SER A 70 20.78 5.88 -3.08
CA SER A 70 20.33 7.27 -3.10
C SER A 70 19.05 7.32 -3.93
N LEU A 71 17.99 7.94 -3.41
CA LEU A 71 16.73 8.00 -4.15
C LEU A 71 16.28 9.44 -4.39
N THR A 72 15.70 9.72 -5.57
CA THR A 72 15.14 11.05 -5.84
C THR A 72 13.79 11.22 -5.08
N ALA A 73 13.17 12.41 -5.13
CA ALA A 73 11.87 12.64 -4.49
C ALA A 73 10.81 11.69 -5.07
N CYS A 74 10.83 11.50 -6.40
N CYS A 74 10.82 11.51 -6.39
CA CYS A 74 9.92 10.64 -7.13
CA CYS A 74 9.87 10.64 -7.08
C CYS A 74 10.13 9.18 -6.75
C CYS A 74 10.12 9.16 -6.77
N GLN A 75 11.40 8.76 -6.65
CA GLN A 75 11.71 7.36 -6.29
C GLN A 75 11.31 7.04 -4.85
N LEU A 76 11.40 8.02 -3.95
CA LEU A 76 10.98 7.83 -2.57
C LEU A 76 9.46 7.66 -2.54
N ARG A 77 8.72 8.46 -3.32
CA ARG A 77 7.28 8.34 -3.41
C ARG A 77 6.89 6.93 -3.91
N THR A 78 7.61 6.44 -4.92
CA THR A 78 7.39 5.11 -5.48
C THR A 78 7.57 3.99 -4.46
N ILE A 79 8.70 3.95 -3.74
CA ILE A 79 8.92 2.89 -2.76
C ILE A 79 7.92 2.97 -1.61
N TYR A 80 7.52 4.18 -1.19
CA TYR A 80 6.56 4.31 -0.08
C TYR A 80 5.17 3.86 -0.48
N ILE A 81 4.79 4.03 -1.76
CA ILE A 81 3.52 3.53 -2.26
C ILE A 81 3.59 1.97 -2.23
N CYS A 82 4.75 1.40 -2.58
CA CYS A 82 4.92 -0.05 -2.54
C CYS A 82 4.81 -0.58 -1.11
N GLN A 83 5.43 0.10 -0.13
CA GLN A 83 5.38 -0.26 1.28
C GLN A 83 3.94 -0.13 1.81
N PHE A 84 3.23 0.94 1.43
CA PHE A 84 1.85 1.17 1.84
C PHE A 84 0.98 -0.01 1.36
N LEU A 85 1.02 -0.33 0.05
CA LEU A 85 0.28 -1.43 -0.54
C LEU A 85 0.63 -2.79 0.08
N THR A 86 1.88 -2.98 0.45
CA THR A 86 2.35 -4.21 1.11
C THR A 86 1.65 -4.38 2.47
N ARG A 87 1.59 -3.29 3.27
CA ARG A 87 0.93 -3.32 4.57
C ARG A 87 -0.58 -3.50 4.42
N ILE A 88 -1.20 -2.83 3.43
CA ILE A 88 -2.65 -3.00 3.22
C ILE A 88 -2.95 -4.44 2.86
N ALA A 89 -2.15 -5.06 2.00
CA ALA A 89 -2.38 -6.46 1.57
C ALA A 89 -2.18 -7.43 2.72
N ALA A 90 -1.28 -7.11 3.67
CA ALA A 90 -1.05 -7.96 4.83
C ALA A 90 -2.02 -7.63 6.00
N GLY A 91 -3.02 -6.77 5.78
CA GLY A 91 -3.94 -6.27 6.80
C GLY A 91 -4.60 -7.29 7.68
N LYS A 92 -5.01 -8.43 7.12
CA LYS A 92 -5.66 -9.48 7.89
C LYS A 92 -4.70 -10.63 8.26
N THR A 93 -3.38 -10.47 8.06
CA THR A 93 -2.41 -11.51 8.36
C THR A 93 -1.82 -11.37 9.76
N GLN A 97 6.55 -12.21 13.69
CA GLN A 97 7.86 -11.58 13.81
C GLN A 97 7.78 -10.05 13.63
N PHE A 98 6.84 -9.59 12.80
CA PHE A 98 6.64 -8.17 12.51
C PHE A 98 6.07 -7.40 13.71
N ASP A 101 8.94 -6.77 16.34
CA ASP A 101 9.91 -5.87 15.70
C ASP A 101 9.34 -4.46 15.53
N GLU A 102 8.04 -4.36 15.25
CA GLU A 102 7.30 -3.11 15.08
C GLU A 102 6.33 -2.87 16.25
N ARG A 103 5.77 -3.95 16.82
CA ARG A 103 4.86 -3.93 17.98
C ARG A 103 3.52 -3.23 17.70
N ILE A 104 3.13 -3.15 16.42
CA ILE A 104 1.90 -2.60 15.87
C ILE A 104 1.45 -3.55 14.73
N THR A 105 0.20 -3.43 14.29
CA THR A 105 -0.35 -4.28 13.25
C THR A 105 -0.04 -3.75 11.84
N PRO A 106 -0.11 -4.62 10.81
CA PRO A 106 0.12 -4.15 9.44
C PRO A 106 -0.71 -2.92 9.02
N LEU A 107 -1.97 -2.83 9.42
CA LEU A 107 -2.83 -1.69 9.07
C LEU A 107 -2.42 -0.44 9.80
N GLU A 108 -1.94 -0.54 11.04
CA GLU A 108 -1.40 0.62 11.76
C GLU A 108 -0.12 1.11 11.09
N SER A 109 0.70 0.19 10.57
CA SER A 109 1.92 0.51 9.87
C SER A 109 1.57 1.18 8.51
N ALA A 110 0.49 0.73 7.83
CA ALA A 110 0.03 1.37 6.60
C ALA A 110 -0.41 2.82 6.89
N LEU A 111 -1.03 3.07 8.04
CA LEU A 111 -1.49 4.37 8.46
C LEU A 111 -0.31 5.33 8.68
N MET A 112 0.81 4.81 9.21
CA MET A 112 2.01 5.63 9.40
C MET A 112 2.63 6.00 8.05
N ILE A 113 2.69 5.05 7.12
CA ILE A 113 3.24 5.33 5.79
C ILE A 113 2.36 6.32 5.07
N TRP A 114 1.03 6.11 5.12
CA TRP A 114 0.04 6.98 4.49
C TRP A 114 0.12 8.43 4.96
N GLY A 115 0.29 8.63 6.26
CA GLY A 115 0.37 9.97 6.82
C GLY A 115 1.70 10.65 6.61
N SER A 116 2.70 9.93 6.09
CA SER A 116 4.03 10.52 5.86
C SER A 116 4.43 10.60 4.39
N ILE A 117 3.66 10.00 3.47
CA ILE A 117 3.98 10.06 2.04
C ILE A 117 3.85 11.51 1.56
N GLU A 118 4.75 11.96 0.68
CA GLU A 118 4.69 13.32 0.14
C GLU A 118 3.56 13.41 -0.87
N LYS A 119 2.35 13.71 -0.41
CA LYS A 119 1.19 13.75 -1.29
C LYS A 119 0.08 14.68 -0.78
N GLU A 120 -0.85 15.08 -1.67
CA GLU A 120 -1.93 15.98 -1.30
C GLU A 120 -2.87 15.34 -0.30
N HIS A 121 -3.28 16.12 0.70
CA HIS A 121 -4.21 15.67 1.71
C HIS A 121 -5.61 16.17 1.32
N ASP A 122 -6.12 15.57 0.23
CA ASP A 122 -7.43 15.86 -0.36
C ASP A 122 -8.53 15.02 0.35
N LYS A 123 -9.79 15.09 -0.13
CA LYS A 123 -10.90 14.31 0.43
C LYS A 123 -10.60 12.81 0.41
N LEU A 124 -10.05 12.30 -0.71
CA LEU A 124 -9.71 10.89 -0.85
C LEU A 124 -8.65 10.46 0.17
N HIS A 125 -7.67 11.35 0.48
CA HIS A 125 -6.65 11.03 1.48
C HIS A 125 -7.27 10.82 2.85
N GLU A 126 -8.22 11.69 3.25
CA GLU A 126 -8.87 11.58 4.56
C GLU A 126 -9.78 10.38 4.63
N GLU A 127 -10.48 10.05 3.52
CA GLU A 127 -11.36 8.89 3.48
C GLU A 127 -10.57 7.61 3.72
N ILE A 128 -9.47 7.42 2.99
CA ILE A 128 -8.62 6.24 3.13
C ILE A 128 -8.04 6.18 4.55
N GLN A 129 -7.56 7.32 5.08
CA GLN A 129 -7.00 7.40 6.43
C GLN A 129 -7.99 6.90 7.49
N ASN A 130 -9.23 7.44 7.50
CA ASN A 130 -10.27 7.07 8.44
C ASN A 130 -10.76 5.64 8.26
N LEU A 131 -10.83 5.15 7.02
CA LEU A 131 -11.19 3.76 6.78
C LEU A 131 -10.13 2.81 7.30
N ILE A 132 -8.82 3.16 7.16
CA ILE A 132 -7.74 2.30 7.67
C ILE A 132 -7.79 2.32 9.19
N LYS A 133 -8.04 3.50 9.81
CA LYS A 133 -8.14 3.64 11.26
C LYS A 133 -9.19 2.69 11.86
N ILE A 134 -10.37 2.60 11.20
CA ILE A 134 -11.45 1.74 11.69
C ILE A 134 -11.16 0.28 11.38
N GLN A 135 -10.66 0.01 10.18
CA GLN A 135 -10.34 -1.36 9.81
C GLN A 135 -9.16 -1.95 10.61
N ALA A 136 -8.20 -1.14 11.12
CA ALA A 136 -7.12 -1.69 11.96
C ALA A 136 -7.71 -2.36 13.22
N ILE A 137 -8.80 -1.79 13.76
CA ILE A 137 -9.53 -2.35 14.88
C ILE A 137 -10.42 -3.51 14.41
N ALA A 138 -11.24 -3.30 13.36
CA ALA A 138 -12.17 -4.32 12.89
C ALA A 138 -11.52 -5.63 12.48
N VAL A 139 -10.33 -5.62 11.87
CA VAL A 139 -9.71 -6.89 11.46
C VAL A 139 -9.33 -7.74 12.70
N CYS A 140 -9.02 -7.11 13.84
CA CYS A 140 -8.70 -7.82 15.06
C CYS A 140 -9.95 -8.48 15.62
N MET A 141 -11.10 -7.78 15.53
CA MET A 141 -12.38 -8.31 15.96
C MET A 141 -12.81 -9.46 15.04
N GLU A 142 -12.59 -9.33 13.73
CA GLU A 142 -12.94 -10.37 12.77
C GLU A 142 -12.17 -11.68 13.10
N ASN A 143 -10.89 -11.52 13.48
CA ASN A 143 -10.03 -12.63 13.88
C ASN A 143 -10.25 -13.15 15.33
N GLY A 144 -11.23 -12.58 16.05
CA GLY A 144 -11.54 -12.95 17.42
C GLY A 144 -10.56 -12.49 18.49
N ASN A 145 -9.69 -11.54 18.17
CA ASN A 145 -8.72 -11.01 19.16
C ASN A 145 -9.13 -9.64 19.63
N PHE A 146 -10.03 -9.63 20.57
CA PHE A 146 -10.63 -8.42 21.11
C PHE A 146 -9.70 -7.66 22.05
N LYS A 147 -8.76 -8.36 22.73
CA LYS A 147 -7.76 -7.68 23.53
C LYS A 147 -6.87 -6.83 22.60
N GLU A 148 -6.47 -7.40 21.45
CA GLU A 148 -5.67 -6.70 20.46
C GLU A 148 -6.41 -5.54 19.85
N ALA A 149 -7.72 -5.70 19.59
CA ALA A 149 -8.58 -4.65 19.03
C ALA A 149 -8.58 -3.43 19.94
N GLU A 150 -8.58 -3.64 21.28
CA GLU A 150 -8.54 -2.54 22.26
C GLU A 150 -7.18 -1.86 22.28
N GLU A 151 -6.11 -2.63 22.07
CA GLU A 151 -4.75 -2.12 22.07
C GLU A 151 -4.53 -1.27 20.83
N VAL A 152 -5.07 -1.68 19.66
CA VAL A 152 -5.02 -0.92 18.43
C VAL A 152 -5.79 0.40 18.63
N PHE A 153 -6.98 0.33 19.20
CA PHE A 153 -7.80 1.51 19.47
C PHE A 153 -7.05 2.52 20.34
N GLU A 154 -6.37 2.04 21.39
CA GLU A 154 -5.63 2.90 22.28
C GLU A 154 -4.45 3.55 21.57
N ARG A 155 -3.79 2.83 20.66
CA ARG A 155 -2.66 3.41 19.93
C ARG A 155 -3.07 4.50 18.92
N ILE A 156 -4.22 4.32 18.25
CA ILE A 156 -4.73 5.27 17.25
C ILE A 156 -5.57 6.44 17.83
N PHE A 157 -6.45 6.14 18.77
CA PHE A 157 -7.39 7.11 19.31
C PHE A 157 -7.17 7.49 20.78
N GLY A 158 -6.22 6.87 21.45
N PRO A 165 -16.35 11.12 22.60
CA PRO A 165 -17.80 10.89 22.36
C PRO A 165 -17.95 9.83 21.28
N PHE A 166 -17.27 10.03 20.14
CA PHE A 166 -17.23 9.01 19.09
C PHE A 166 -16.28 7.88 19.59
N LYS A 167 -15.19 8.25 20.28
CA LYS A 167 -14.20 7.36 20.82
C LYS A 167 -14.84 6.46 21.86
N SER A 168 -15.67 7.02 22.76
N SER A 168 -15.67 7.02 22.75
CA SER A 168 -16.34 6.23 23.80
CA SER A 168 -16.35 6.26 23.80
C SER A 168 -17.34 5.24 23.20
C SER A 168 -17.34 5.25 23.21
N LYS A 169 -18.01 5.63 22.10
CA LYS A 169 -18.96 4.76 21.41
C LYS A 169 -18.20 3.64 20.69
N LEU A 170 -17.06 3.95 20.08
CA LEU A 170 -16.21 2.96 19.41
C LEU A 170 -15.61 1.98 20.42
N LEU A 171 -15.23 2.48 21.60
CA LEU A 171 -14.69 1.65 22.68
C LEU A 171 -15.78 0.72 23.23
N MET A 172 -17.03 1.20 23.30
CA MET A 172 -18.14 0.40 23.77
C MET A 172 -18.41 -0.76 22.80
N ILE A 173 -18.36 -0.48 21.49
CA ILE A 173 -18.52 -1.46 20.42
C ILE A 173 -17.49 -2.59 20.58
N ILE A 174 -16.20 -2.25 20.75
CA ILE A 174 -15.12 -3.24 20.87
C ILE A 174 -15.36 -4.09 22.09
N SER A 175 -15.67 -3.45 23.23
CA SER A 175 -15.92 -4.11 24.50
C SER A 175 -17.08 -5.11 24.45
N GLN A 176 -18.11 -4.82 23.63
CA GLN A 176 -19.26 -5.71 23.52
C GLN A 176 -19.16 -6.72 22.35
N LYS A 177 -17.98 -6.84 21.72
CA LYS A 177 -17.72 -7.72 20.58
C LYS A 177 -18.77 -7.54 19.48
N ASP A 178 -19.17 -6.29 19.27
CA ASP A 178 -20.21 -5.92 18.34
C ASP A 178 -19.62 -5.65 16.96
N THR A 179 -19.04 -6.71 16.38
CA THR A 179 -18.32 -6.71 15.12
C THR A 179 -19.16 -6.24 13.95
N PHE A 180 -20.47 -6.54 13.97
CA PHE A 180 -21.34 -6.21 12.85
C PHE A 180 -22.20 -4.97 13.10
N HIS A 181 -21.77 -4.07 14.01
CA HIS A 181 -22.44 -2.81 14.29
C HIS A 181 -22.52 -1.99 12.96
N SER A 182 -23.60 -1.21 12.75
CA SER A 182 -23.76 -0.43 11.51
C SER A 182 -22.55 0.47 11.18
N PHE A 183 -21.84 0.99 12.19
CA PHE A 183 -20.64 1.83 12.03
C PHE A 183 -19.59 1.09 11.22
N PHE A 184 -19.40 -0.20 11.54
CA PHE A 184 -18.44 -1.07 10.87
C PHE A 184 -18.88 -1.46 9.48
N GLN A 185 -20.18 -1.45 9.21
CA GLN A 185 -20.70 -1.75 7.88
C GLN A 185 -20.52 -0.52 6.97
N HIS A 186 -20.48 0.71 7.52
CA HIS A 186 -20.21 1.89 6.73
C HIS A 186 -18.67 1.97 6.55
N PHE A 187 -17.90 1.79 7.64
CA PHE A 187 -16.44 1.82 7.55
C PHE A 187 -15.94 0.39 7.40
N SER A 188 -16.37 -0.27 6.33
CA SER A 188 -16.07 -1.65 6.09
C SER A 188 -14.71 -1.89 5.40
N TYR A 189 -14.32 -3.15 5.34
CA TYR A 189 -13.12 -3.60 4.73
C TYR A 189 -13.25 -3.41 3.23
N ASN A 190 -14.38 -3.84 2.64
CA ASN A 190 -14.63 -3.69 1.22
C ASN A 190 -14.57 -2.21 0.81
N HIS A 191 -15.11 -1.30 1.65
CA HIS A 191 -15.08 0.14 1.38
C HIS A 191 -13.66 0.69 1.45
N MET A 192 -12.85 0.18 2.38
CA MET A 192 -11.46 0.57 2.51
C MET A 192 -10.71 0.17 1.23
N MET A 193 -10.88 -1.09 0.81
CA MET A 193 -10.24 -1.57 -0.39
C MET A 193 -10.70 -0.83 -1.65
N GLU A 194 -12.00 -0.51 -1.79
CA GLU A 194 -12.47 0.23 -2.97
C GLU A 194 -11.85 1.62 -3.06
N LYS A 195 -11.74 2.32 -1.93
CA LYS A 195 -11.16 3.68 -1.92
C LYS A 195 -9.67 3.62 -2.26
N ILE A 196 -8.95 2.63 -1.73
CA ILE A 196 -7.49 2.51 -1.99
C ILE A 196 -7.29 2.13 -3.47
N LYS A 197 -8.13 1.24 -3.98
CA LYS A 197 -7.99 0.80 -5.40
C LYS A 197 -8.18 2.03 -6.31
N SER A 198 -9.03 2.97 -5.90
N SER A 198 -9.03 2.97 -5.90
CA SER A 198 -9.24 4.21 -6.69
CA SER A 198 -9.25 4.19 -6.70
C SER A 198 -7.94 5.00 -6.74
C SER A 198 -7.94 5.00 -6.74
N TYR A 199 -7.23 5.07 -5.61
CA TYR A 199 -5.94 5.79 -5.57
C TYR A 199 -4.95 5.05 -6.44
N VAL A 200 -4.97 3.71 -6.36
CA VAL A 200 -4.02 2.88 -7.16
C VAL A 200 -4.22 3.20 -8.65
N ASN A 201 -5.45 3.38 -9.10
CA ASN A 201 -5.73 3.63 -10.54
C ASN A 201 -5.04 4.92 -10.98
N TYR A 202 -5.03 5.94 -10.11
CA TYR A 202 -4.33 7.20 -10.45
C TYR A 202 -2.83 6.93 -10.59
N VAL A 203 -2.26 6.20 -9.63
CA VAL A 203 -0.81 5.86 -9.68
C VAL A 203 -0.55 5.02 -10.93
N LEU A 204 -1.45 4.09 -11.22
CA LEU A 204 -1.29 3.20 -12.40
C LEU A 204 -1.27 4.04 -13.67
N SER A 205 -2.09 5.11 -13.69
N SER A 205 -2.09 5.10 -13.70
CA SER A 205 -2.15 5.98 -14.90
CA SER A 205 -2.15 5.99 -14.90
C SER A 205 -0.91 6.88 -14.96
C SER A 205 -0.90 6.87 -14.96
N GLU A 206 -0.45 7.37 -13.81
CA GLU A 206 0.74 8.26 -13.77
C GLU A 206 1.98 7.49 -14.26
N LYS A 207 2.09 6.21 -13.95
CA LYS A 207 3.31 5.44 -14.31
C LYS A 207 3.07 4.55 -15.53
N SER A 208 1.88 4.59 -16.11
CA SER A 208 1.56 3.71 -17.26
C SER A 208 2.48 4.02 -18.45
N SER A 209 3.15 5.18 -18.41
CA SER A 209 4.02 5.59 -19.54
C SER A 209 5.51 5.35 -19.22
N THR A 210 5.83 4.58 -18.18
CA THR A 210 7.23 4.38 -17.78
C THR A 210 7.96 3.67 -18.91
N PHE A 211 9.27 3.92 -19.04
CA PHE A 211 10.07 3.37 -20.18
C PHE A 211 9.93 1.86 -20.31
N LEU A 212 10.19 1.10 -19.25
CA LEU A 212 10.22 -0.38 -19.38
C LEU A 212 8.87 -0.91 -19.87
N MET A 213 7.76 -0.50 -19.23
CA MET A 213 6.43 -1.03 -19.61
C MET A 213 6.10 -0.62 -21.05
N LYS A 214 6.36 0.65 -21.38
CA LYS A 214 6.03 1.16 -22.73
C LYS A 214 6.79 0.34 -23.78
N ALA A 215 8.10 0.13 -23.56
CA ALA A 215 8.93 -0.62 -24.53
C ALA A 215 8.38 -2.04 -24.67
N ALA A 216 8.09 -2.68 -23.55
CA ALA A 216 7.61 -4.08 -23.58
C ALA A 216 6.29 -4.15 -24.34
N ALA A 217 5.39 -3.20 -24.08
CA ALA A 217 4.08 -3.18 -24.76
C ALA A 217 4.30 -3.07 -26.27
N LYS A 218 5.22 -2.18 -26.68
CA LYS A 218 5.51 -2.00 -28.12
C LYS A 218 5.92 -3.35 -28.72
N VAL A 219 6.82 -4.07 -28.04
CA VAL A 219 7.32 -5.37 -28.56
C VAL A 219 6.13 -6.33 -28.70
N VAL A 220 5.24 -6.35 -27.71
CA VAL A 220 4.08 -7.29 -27.73
C VAL A 220 3.19 -6.95 -28.95
N GLU A 221 2.91 -5.67 -29.16
CA GLU A 221 2.03 -5.25 -30.29
C GLU A 221 2.68 -5.67 -31.61
N SER A 222 4.00 -5.50 -31.70
N SER A 222 4.00 -5.52 -31.69
CA SER A 222 4.73 -5.88 -32.94
CA SER A 222 4.73 -5.88 -32.94
C SER A 222 4.39 -7.33 -33.31
C SER A 222 4.41 -7.33 -33.31
N LYS A 223 4.40 -8.22 -32.32
CA LYS A 223 4.09 -9.66 -32.58
C LYS A 223 2.62 -9.76 -33.04
N ARG A 224 1.73 -8.95 -32.48
CA ARG A 224 0.29 -9.00 -32.83
C1 GOL B . -3.97 -7.99 -3.49
O1 GOL B . -3.19 -9.02 -2.87
C2 GOL B . -5.35 -7.91 -2.87
O2 GOL B . -5.24 -7.75 -1.45
C3 GOL B . -6.17 -6.78 -3.44
O3 GOL B . -7.55 -6.90 -3.11
N1 VW4 C . 12.68 -1.76 0.49
C4 VW4 C . 9.09 -3.00 3.53
C5 VW4 C . 7.71 -3.16 3.42
C6 VW4 C . 6.84 -2.34 4.12
C7 VW4 C . 7.33 -1.37 4.96
C8 VW4 C . 8.68 -1.21 5.10
C1 VW4 C . 10.46 -5.09 3.67
C2 VW4 C . 10.05 -3.91 2.78
C3 VW4 C . 11.30 -3.18 2.31
S1 VW4 C . 11.20 -2.29 0.77
O1 VW4 C . 10.89 -3.23 -0.27
O2 VW4 C . 10.38 -1.14 0.94
C9 VW4 C . 9.57 -2.02 4.40
S DMS D . -4.35 -8.94 13.18
O DMS D . -5.45 -9.78 13.79
C1 DMS D . -2.77 -9.67 13.70
C2 DMS D . -4.20 -9.40 11.46
S DMS E . -13.27 8.45 12.32
O DMS E . -13.46 9.80 11.71
C1 DMS E . -13.86 7.24 11.12
C2 DMS E . -11.51 8.02 12.16
#